data_6ZTD
#
_entry.id   6ZTD
#
_cell.length_a   70.536
_cell.length_b   70.536
_cell.length_c   106.472
_cell.angle_alpha   90.000
_cell.angle_beta   90.000
_cell.angle_gamma   90.000
#
_symmetry.space_group_name_H-M   'P 41'
#
loop_
_entity.id
_entity.type
_entity.pdbx_description
1 polymer 'Heavy chain of the Fab fragment from BCR derived from the P6540 CLL clone'
2 polymer 'Light chain of the Fab fragment from BCR derived from the P6540 CLL clone'
#
loop_
_entity_poly.entity_id
_entity_poly.type
_entity_poly.pdbx_seq_one_letter_code
_entity_poly.pdbx_strand_id
1 'polypeptide(L)'
;EVQLVESGGGLVQPGGSLRLSCAASGFTFSDYNMNWVRQAPGKGLQWVSYISDSASTIYYADSVKGRFTISRDNAKNSLY
LQMNSLRDEDTAMYYCARDGVGAPLWGQGTTVTVSSGSASAPTLFPLVSCENSPSDTSSVLVGCLAQDFLPDSITFSWKY
KNNSDISSTRGFPSVLRGGKYAATSQVLLPSKDVMQGTDEHVVCKVQHPNGNKEKNVPLPV
;
H
2 'polypeptide(L)'
;SYVLTQPPSVSVAPGKTARISCGGNNIGSKSVHWYQQKPGQAPVLVIYYDTDRPSGIPERFSGSNSGNTATLTISRVEAG
DEAGYYCQVWDSSSDHPWVFGGGTKLTVLRQPKAAPSVTLFPPSSEELQANKATLVCLISDFYPGAVTVAWKADSSPVKA
GVETTTPSKQSNNKYAASSYLSLTPEQWKSHRSYSCQVTHEGSTVEKTVAPTECS
;
L
#
# COMPACT_ATOMS: atom_id res chain seq x y z
N VAL A 2 -14.11 -19.20 6.73
CA VAL A 2 -14.83 -18.05 6.20
C VAL A 2 -13.85 -17.00 5.70
N GLN A 3 -13.43 -17.14 4.44
CA GLN A 3 -12.44 -16.24 3.86
C GLN A 3 -12.78 -15.96 2.41
N LEU A 4 -12.18 -14.90 1.88
CA LEU A 4 -12.24 -14.57 0.46
C LEU A 4 -10.82 -14.39 -0.06
N VAL A 5 -10.57 -14.89 -1.26
CA VAL A 5 -9.23 -14.92 -1.85
C VAL A 5 -9.32 -14.29 -3.24
N GLU A 6 -8.89 -13.04 -3.36
CA GLU A 6 -8.77 -12.39 -4.66
C GLU A 6 -7.48 -12.83 -5.33
N SER A 7 -7.50 -12.85 -6.67
CA SER A 7 -6.34 -13.24 -7.46
C SER A 7 -6.61 -12.87 -8.91
N GLY A 8 -5.56 -13.02 -9.73
CA GLY A 8 -5.64 -12.74 -11.15
C GLY A 8 -5.06 -11.40 -11.58
N GLY A 9 -4.52 -10.62 -10.66
CA GLY A 9 -3.99 -9.31 -10.99
C GLY A 9 -2.51 -9.35 -11.34
N GLY A 10 -2.09 -8.38 -12.14
CA GLY A 10 -0.70 -8.27 -12.56
C GLY A 10 -0.41 -7.07 -13.43
N LEU A 11 0.31 -7.30 -14.53
CA LEU A 11 0.69 -6.23 -15.45
C LEU A 11 0.04 -6.51 -16.80
N VAL A 12 -0.74 -5.56 -17.28
CA VAL A 12 -1.39 -5.65 -18.59
C VAL A 12 -1.06 -4.41 -19.39
N GLN A 13 -1.13 -4.54 -20.71
CA GLN A 13 -0.92 -3.39 -21.58
C GLN A 13 -2.21 -2.57 -21.68
N PRO A 14 -2.09 -1.25 -21.83
CA PRO A 14 -3.29 -0.40 -21.88
C PRO A 14 -4.21 -0.79 -23.02
N GLY A 15 -5.51 -0.63 -22.78
CA GLY A 15 -6.50 -1.06 -23.76
C GLY A 15 -6.70 -2.55 -23.83
N GLY A 16 -6.02 -3.33 -22.98
CA GLY A 16 -6.14 -4.77 -22.98
C GLY A 16 -7.23 -5.26 -22.06
N SER A 17 -7.19 -6.56 -21.78
CA SER A 17 -8.20 -7.21 -20.95
C SER A 17 -7.53 -8.10 -19.92
N LEU A 18 -8.22 -8.29 -18.80
CA LEU A 18 -7.73 -9.13 -17.71
C LEU A 18 -8.94 -9.66 -16.93
N ARG A 19 -8.81 -10.89 -16.45
CA ARG A 19 -9.85 -11.58 -15.70
C ARG A 19 -9.44 -11.70 -14.24
N LEU A 20 -10.27 -11.18 -13.35
CA LEU A 20 -10.01 -11.22 -11.92
C LEU A 20 -10.92 -12.25 -11.25
N SER A 21 -10.33 -13.03 -10.34
CA SER A 21 -11.04 -14.10 -9.64
C SER A 21 -11.12 -13.80 -8.15
N CYS A 22 -12.04 -14.50 -7.48
CA CYS A 22 -12.27 -14.30 -6.05
C CYS A 22 -12.82 -15.61 -5.49
N ALA A 23 -11.94 -16.42 -4.89
CA ALA A 23 -12.34 -17.69 -4.33
C ALA A 23 -12.99 -17.49 -2.97
N ALA A 24 -14.18 -18.06 -2.80
CA ALA A 24 -14.94 -17.96 -1.55
C ALA A 24 -14.86 -19.26 -0.77
N SER A 25 -15.05 -19.15 0.54
CA SER A 25 -14.98 -20.31 1.42
C SER A 25 -15.63 -19.97 2.75
N GLY A 26 -16.17 -20.99 3.40
CA GLY A 26 -16.72 -20.86 4.74
C GLY A 26 -18.16 -20.42 4.82
N PHE A 27 -18.86 -20.31 3.70
CA PHE A 27 -20.25 -19.85 3.73
C PHE A 27 -20.94 -20.32 2.45
N THR A 28 -22.27 -20.15 2.44
CA THR A 28 -23.06 -20.41 1.25
C THR A 28 -22.89 -19.22 0.30
N PHE A 29 -22.02 -19.38 -0.69
CA PHE A 29 -21.70 -18.29 -1.61
C PHE A 29 -22.93 -17.80 -2.37
N SER A 30 -23.88 -18.69 -2.65
CA SER A 30 -24.99 -18.34 -3.53
C SER A 30 -25.90 -17.28 -2.91
N ASP A 31 -26.15 -17.37 -1.60
CA ASP A 31 -27.20 -16.58 -0.98
C ASP A 31 -26.83 -15.13 -0.70
N TYR A 32 -25.63 -14.69 -1.05
CA TYR A 32 -25.20 -13.35 -0.66
C TYR A 32 -24.57 -12.59 -1.82
N ASN A 33 -24.94 -11.32 -1.91
CA ASN A 33 -24.56 -10.48 -3.05
C ASN A 33 -23.07 -10.15 -2.98
N MET A 34 -22.40 -10.18 -4.12
CA MET A 34 -20.99 -9.87 -4.19
C MET A 34 -20.76 -8.51 -4.82
N ASN A 35 -19.62 -7.91 -4.46
CA ASN A 35 -19.21 -6.59 -4.96
C ASN A 35 -17.75 -6.60 -5.33
N TRP A 36 -17.40 -5.79 -6.32
CA TRP A 36 -16.01 -5.47 -6.62
C TRP A 36 -15.74 -4.03 -6.22
N VAL A 37 -14.67 -3.82 -5.46
CA VAL A 37 -14.28 -2.51 -4.96
C VAL A 37 -12.80 -2.31 -5.25
N ARG A 38 -12.48 -1.19 -5.89
CA ARG A 38 -11.10 -0.86 -6.21
C ARG A 38 -10.67 0.38 -5.46
N GLN A 39 -9.37 0.70 -5.57
CA GLN A 39 -8.81 1.84 -4.85
C GLN A 39 -7.51 2.23 -5.54
N ALA A 40 -7.50 3.40 -6.16
CA ALA A 40 -6.27 3.92 -6.75
C ALA A 40 -5.21 4.09 -5.65
N PRO A 41 -3.93 3.92 -6.00
CA PRO A 41 -2.87 4.03 -4.98
C PRO A 41 -2.91 5.38 -4.28
N GLY A 42 -3.07 5.34 -2.96
CA GLY A 42 -3.07 6.55 -2.16
C GLY A 42 -4.38 7.32 -2.20
N LYS A 43 -5.20 7.08 -3.20
CA LYS A 43 -6.47 7.78 -3.35
C LYS A 43 -7.55 7.09 -2.51
N GLY A 44 -8.82 7.40 -2.76
CA GLY A 44 -9.91 6.86 -1.99
C GLY A 44 -10.48 5.59 -2.60
N LEU A 45 -11.45 5.02 -1.89
CA LEU A 45 -12.09 3.79 -2.34
C LEU A 45 -13.04 4.08 -3.50
N GLN A 46 -13.53 3.01 -4.11
CA GLN A 46 -14.39 3.12 -5.28
C GLN A 46 -15.08 1.79 -5.50
N TRP A 47 -16.40 1.78 -5.51
CA TRP A 47 -17.16 0.61 -5.91
C TRP A 47 -17.06 0.46 -7.43
N VAL A 48 -17.01 -0.79 -7.89
CA VAL A 48 -16.84 -1.09 -9.31
C VAL A 48 -18.09 -1.74 -9.89
N SER A 49 -18.45 -2.93 -9.41
CA SER A 49 -19.54 -3.69 -9.98
C SER A 49 -20.35 -4.35 -8.87
N TYR A 50 -21.66 -4.40 -9.06
CA TYR A 50 -22.57 -5.11 -8.18
C TYR A 50 -23.11 -6.32 -8.91
N ILE A 51 -22.87 -7.50 -8.36
CA ILE A 51 -23.58 -8.71 -8.77
C ILE A 51 -24.45 -9.12 -7.59
N SER A 52 -25.67 -9.54 -7.88
CA SER A 52 -26.71 -9.66 -6.85
C SER A 52 -27.03 -11.13 -6.59
N ASP A 53 -26.60 -11.62 -5.43
CA ASP A 53 -27.08 -12.88 -4.88
C ASP A 53 -26.82 -14.04 -5.84
N SER A 54 -27.45 -15.18 -5.60
CA SER A 54 -27.42 -16.26 -6.59
C SER A 54 -28.16 -15.87 -7.86
N ALA A 55 -28.95 -14.80 -7.84
CA ALA A 55 -29.66 -14.34 -9.02
C ALA A 55 -28.73 -13.56 -9.94
N SER A 56 -29.32 -12.80 -10.87
CA SER A 56 -28.55 -12.03 -11.84
C SER A 56 -29.12 -10.61 -11.89
N THR A 57 -28.58 -9.74 -11.04
CA THR A 57 -28.81 -8.29 -11.12
C THR A 57 -27.47 -7.60 -11.07
N ILE A 58 -27.20 -6.74 -12.05
CA ILE A 58 -25.88 -6.15 -12.23
C ILE A 58 -25.99 -4.63 -12.14
N TYR A 59 -25.04 -4.03 -11.42
CA TYR A 59 -24.88 -2.58 -11.38
C TYR A 59 -23.42 -2.26 -11.59
N TYR A 60 -23.15 -1.16 -12.29
CA TYR A 60 -21.81 -0.83 -12.76
C TYR A 60 -21.40 0.56 -12.30
N ALA A 61 -20.11 0.70 -12.00
CA ALA A 61 -19.54 2.04 -11.88
C ALA A 61 -19.36 2.63 -13.27
N ASP A 62 -19.68 3.92 -13.40
CA ASP A 62 -19.70 4.56 -14.71
C ASP A 62 -18.33 4.49 -15.38
N SER A 63 -17.25 4.58 -14.59
CA SER A 63 -15.90 4.52 -15.15
C SER A 63 -15.68 3.24 -15.95
N VAL A 64 -16.35 2.16 -15.58
CA VAL A 64 -16.19 0.87 -16.25
C VAL A 64 -17.48 0.39 -16.90
N LYS A 65 -18.56 1.16 -16.79
CA LYS A 65 -19.80 0.86 -17.47
C LYS A 65 -19.55 0.60 -18.95
N GLY A 66 -20.19 -0.44 -19.48
CA GLY A 66 -19.97 -0.83 -20.85
C GLY A 66 -18.56 -1.29 -21.16
N ARG A 67 -17.75 -1.55 -20.14
CA ARG A 67 -16.38 -2.00 -20.36
C ARG A 67 -16.08 -3.24 -19.54
N PHE A 68 -16.04 -3.11 -18.21
CA PHE A 68 -15.87 -4.29 -17.37
C PHE A 68 -17.15 -5.11 -17.35
N THR A 69 -16.99 -6.41 -17.11
CA THR A 69 -18.12 -7.32 -17.04
C THR A 69 -17.93 -8.26 -15.86
N ILE A 70 -18.97 -8.38 -15.04
CA ILE A 70 -18.91 -9.15 -13.80
C ILE A 70 -19.68 -10.45 -14.00
N SER A 71 -19.31 -11.46 -13.23
CA SER A 71 -19.95 -12.77 -13.29
C SER A 71 -19.56 -13.56 -12.05
N ARG A 72 -20.31 -14.63 -11.80
CA ARG A 72 -20.11 -15.46 -10.62
C ARG A 72 -20.48 -16.90 -10.93
N ASP A 73 -19.85 -17.83 -10.21
CA ASP A 73 -20.14 -19.25 -10.30
C ASP A 73 -20.57 -19.73 -8.93
N ASN A 74 -21.87 -20.03 -8.77
CA ASN A 74 -22.37 -20.45 -7.47
C ASN A 74 -21.89 -21.85 -7.09
N ALA A 75 -21.65 -22.71 -8.08
CA ALA A 75 -21.24 -24.08 -7.79
C ALA A 75 -19.78 -24.15 -7.34
N LYS A 76 -18.90 -23.40 -8.01
CA LYS A 76 -17.48 -23.40 -7.68
C LYS A 76 -17.14 -22.39 -6.59
N ASN A 77 -18.11 -21.58 -6.16
CA ASN A 77 -17.92 -20.61 -5.08
C ASN A 77 -16.80 -19.62 -5.41
N SER A 78 -16.90 -19.01 -6.59
CA SER A 78 -15.90 -18.08 -7.07
C SER A 78 -16.57 -16.94 -7.82
N LEU A 79 -16.02 -15.73 -7.68
CA LEU A 79 -16.53 -14.54 -8.35
C LEU A 79 -15.51 -14.08 -9.39
N TYR A 80 -16.03 -13.55 -10.51
CA TYR A 80 -15.19 -13.13 -11.61
C TYR A 80 -15.53 -11.70 -12.01
N LEU A 81 -14.54 -11.02 -12.60
CA LEU A 81 -14.71 -9.65 -13.08
C LEU A 81 -13.85 -9.49 -14.34
N GLN A 82 -14.50 -9.56 -15.49
CA GLN A 82 -13.81 -9.33 -16.75
C GLN A 82 -13.61 -7.84 -16.96
N MET A 83 -12.37 -7.45 -17.29
CA MET A 83 -12.00 -6.05 -17.46
C MET A 83 -11.59 -5.83 -18.91
N ASN A 84 -12.10 -4.75 -19.51
CA ASN A 84 -11.88 -4.48 -20.93
C ASN A 84 -11.50 -3.02 -21.12
N SER A 85 -10.71 -2.77 -22.16
CA SER A 85 -10.17 -1.44 -22.47
C SER A 85 -9.51 -0.83 -21.24
N LEU A 86 -8.50 -1.55 -20.74
CA LEU A 86 -7.84 -1.15 -19.50
C LEU A 86 -7.13 0.19 -19.66
N ARG A 87 -7.26 1.04 -18.65
CA ARG A 87 -6.67 2.37 -18.64
C ARG A 87 -5.90 2.58 -17.35
N ASP A 88 -5.20 3.71 -17.28
CA ASP A 88 -4.50 4.06 -16.05
C ASP A 88 -5.46 4.40 -14.92
N GLU A 89 -6.68 4.80 -15.23
CA GLU A 89 -7.70 4.98 -14.20
C GLU A 89 -8.13 3.67 -13.57
N ASP A 90 -7.75 2.54 -14.16
CA ASP A 90 -8.09 1.22 -13.64
C ASP A 90 -6.92 0.55 -12.93
N THR A 91 -5.76 1.21 -12.85
CA THR A 91 -4.61 0.70 -12.12
C THR A 91 -4.87 0.94 -10.64
N ALA A 92 -5.25 -0.12 -9.92
CA ALA A 92 -5.70 0.04 -8.54
C ALA A 92 -5.66 -1.32 -7.84
N MET A 93 -6.02 -1.31 -6.57
CA MET A 93 -6.14 -2.51 -5.75
C MET A 93 -7.60 -2.93 -5.73
N TYR A 94 -7.90 -4.09 -6.32
CA TYR A 94 -9.28 -4.53 -6.50
C TYR A 94 -9.65 -5.51 -5.39
N TYR A 95 -10.74 -5.21 -4.69
CA TYR A 95 -11.19 -5.98 -3.55
C TYR A 95 -12.55 -6.60 -3.85
N CYS A 96 -12.76 -7.80 -3.31
CA CYS A 96 -13.97 -8.59 -3.52
C CYS A 96 -14.62 -8.81 -2.17
N ALA A 97 -15.83 -8.26 -2.01
CA ALA A 97 -16.45 -8.15 -0.69
C ALA A 97 -17.81 -8.84 -0.66
N ARG A 98 -18.12 -9.44 0.49
CA ARG A 98 -19.40 -10.09 0.74
C ARG A 98 -20.42 -9.06 1.22
N ASP A 99 -21.27 -8.60 0.32
CA ASP A 99 -22.40 -7.75 0.67
C ASP A 99 -23.53 -8.65 1.15
N GLY A 100 -23.84 -8.58 2.44
CA GLY A 100 -24.86 -9.46 2.97
C GLY A 100 -25.37 -9.02 4.32
N VAL A 101 -26.05 -9.95 5.00
CA VAL A 101 -26.64 -9.67 6.30
C VAL A 101 -25.55 -9.40 7.32
N GLY A 102 -24.66 -10.37 7.53
CA GLY A 102 -23.60 -10.24 8.50
C GLY A 102 -22.62 -9.14 8.12
N ALA A 103 -21.63 -8.97 9.00
CA ALA A 103 -20.59 -7.97 8.77
C ALA A 103 -19.88 -8.28 7.45
N PRO A 104 -19.73 -7.29 6.55
CA PRO A 104 -19.18 -7.58 5.22
C PRO A 104 -17.80 -8.22 5.30
N LEU A 105 -17.61 -9.25 4.47
CA LEU A 105 -16.34 -9.96 4.40
C LEU A 105 -15.49 -9.35 3.29
N TRP A 106 -14.25 -9.00 3.60
CA TRP A 106 -13.31 -8.42 2.65
C TRP A 106 -12.10 -9.32 2.52
N GLY A 107 -11.90 -9.86 1.31
CA GLY A 107 -10.67 -10.57 1.03
C GLY A 107 -9.53 -9.63 0.71
N GLN A 108 -8.30 -10.13 0.88
CA GLN A 108 -7.12 -9.36 0.53
C GLN A 108 -7.08 -9.12 -0.97
N GLY A 109 -7.00 -7.84 -1.36
CA GLY A 109 -7.10 -7.50 -2.76
C GLY A 109 -5.83 -7.77 -3.53
N THR A 110 -5.98 -7.83 -4.85
CA THR A 110 -4.88 -8.06 -5.77
C THR A 110 -4.69 -6.84 -6.66
N THR A 111 -3.44 -6.52 -6.95
CA THR A 111 -3.09 -5.31 -7.70
C THR A 111 -3.18 -5.55 -9.20
N VAL A 112 -3.80 -4.61 -9.90
CA VAL A 112 -3.86 -4.59 -11.35
C VAL A 112 -3.17 -3.31 -11.82
N THR A 113 -2.17 -3.45 -12.70
CA THR A 113 -1.35 -2.33 -13.13
C THR A 113 -1.19 -2.35 -14.64
N VAL A 114 -1.78 -1.38 -15.31
CA VAL A 114 -1.46 -1.16 -16.72
C VAL A 114 -0.19 -0.33 -16.80
N SER A 115 0.64 -0.63 -17.80
CA SER A 115 1.97 -0.05 -17.85
C SER A 115 2.37 0.21 -19.29
N SER A 116 3.19 1.24 -19.49
CA SER A 116 3.76 1.55 -20.79
C SER A 116 5.09 0.85 -21.04
N GLY A 117 5.67 0.22 -20.02
CA GLY A 117 6.91 -0.50 -20.15
C GLY A 117 6.67 -2.00 -20.09
N SER A 118 7.58 -2.76 -20.70
CA SER A 118 7.45 -4.20 -20.74
C SER A 118 7.61 -4.80 -19.35
N ALA A 119 6.86 -5.87 -19.08
CA ALA A 119 6.94 -6.53 -17.79
C ALA A 119 8.31 -7.20 -17.63
N SER A 120 8.87 -7.10 -16.44
CA SER A 120 10.20 -7.62 -16.18
C SER A 120 10.29 -8.10 -14.73
N ALA A 121 11.26 -8.99 -14.47
CA ALA A 121 11.50 -9.69 -13.22
C ALA A 121 12.53 -8.96 -12.38
N PRO A 122 12.47 -9.10 -11.05
CA PRO A 122 13.44 -8.41 -10.18
C PRO A 122 14.82 -9.03 -10.29
N THR A 123 15.84 -8.17 -10.18
CA THR A 123 17.23 -8.59 -10.18
C THR A 123 17.78 -8.39 -8.77
N LEU A 124 18.28 -9.47 -8.17
CA LEU A 124 18.74 -9.47 -6.79
C LEU A 124 20.25 -9.37 -6.72
N PHE A 125 20.74 -8.38 -5.96
CA PHE A 125 22.15 -8.20 -5.66
C PHE A 125 22.34 -8.15 -4.15
N PRO A 126 23.35 -8.85 -3.63
CA PRO A 126 23.60 -8.80 -2.18
C PRO A 126 24.17 -7.45 -1.76
N LEU A 127 24.11 -7.20 -0.45
CA LEU A 127 24.63 -5.98 0.14
C LEU A 127 25.23 -6.32 1.50
N VAL A 128 26.49 -5.90 1.72
CA VAL A 128 27.20 -6.18 2.96
C VAL A 128 27.81 -4.88 3.47
N SER A 129 28.32 -4.94 4.70
CA SER A 129 28.94 -3.78 5.33
C SER A 129 30.46 -3.93 5.37
N LEU A 141 22.69 -5.50 9.67
CA LEU A 141 23.88 -4.93 9.05
C LEU A 141 24.03 -5.40 7.61
N VAL A 142 23.24 -6.42 7.25
CA VAL A 142 23.28 -7.00 5.92
C VAL A 142 21.93 -6.78 5.26
N GLY A 143 21.92 -6.83 3.93
CA GLY A 143 20.69 -6.52 3.19
C GLY A 143 20.48 -7.29 1.91
N CYS A 144 19.52 -6.82 1.10
CA CYS A 144 19.15 -7.47 -0.15
C CYS A 144 18.57 -6.41 -1.08
N LEU A 145 19.19 -6.26 -2.25
CA LEU A 145 18.73 -5.28 -3.24
C LEU A 145 17.93 -5.99 -4.33
N ALA A 146 16.74 -5.46 -4.62
CA ALA A 146 15.88 -5.97 -5.68
C ALA A 146 15.51 -4.80 -6.58
N GLN A 147 16.04 -4.80 -7.80
CA GLN A 147 15.89 -3.69 -8.72
C GLN A 147 15.43 -4.18 -10.09
N ASP A 148 15.01 -3.22 -10.91
CA ASP A 148 14.64 -3.48 -12.31
C ASP A 148 13.50 -4.50 -12.42
N PHE A 149 12.45 -4.27 -11.64
CA PHE A 149 11.26 -5.11 -11.69
C PHE A 149 10.05 -4.27 -12.09
N LEU A 150 8.96 -4.96 -12.40
CA LEU A 150 7.71 -4.34 -12.83
C LEU A 150 6.62 -5.40 -12.89
N PRO A 151 5.46 -5.18 -12.23
CA PRO A 151 5.13 -3.98 -11.45
C PRO A 151 5.61 -4.07 -10.00
N ASP A 152 5.37 -3.01 -9.23
CA ASP A 152 5.81 -2.96 -7.83
C ASP A 152 4.95 -3.86 -6.96
N SER A 153 5.31 -5.13 -6.86
CA SER A 153 4.66 -6.09 -5.98
C SER A 153 5.70 -6.88 -5.21
N ILE A 154 6.76 -6.18 -4.79
CA ILE A 154 7.89 -6.86 -4.15
C ILE A 154 7.50 -7.33 -2.76
N THR A 155 8.17 -8.37 -2.30
CA THR A 155 8.01 -8.88 -0.94
C THR A 155 9.26 -9.69 -0.58
N PHE A 156 9.78 -9.46 0.61
CA PHE A 156 10.97 -10.16 1.08
C PHE A 156 10.60 -11.21 2.11
N SER A 157 11.39 -12.29 2.13
CA SER A 157 11.29 -13.32 3.15
C SER A 157 12.71 -13.71 3.54
N TRP A 158 13.09 -13.41 4.78
CA TRP A 158 14.43 -13.71 5.26
C TRP A 158 14.41 -15.06 5.98
N LYS A 159 14.46 -16.12 5.19
CA LYS A 159 14.57 -17.48 5.69
C LYS A 159 16.00 -17.96 5.48
N TYR A 160 16.68 -18.27 6.58
CA TYR A 160 18.08 -18.69 6.57
C TYR A 160 18.19 -20.03 7.28
N LYS A 161 19.36 -20.65 7.15
CA LYS A 161 19.61 -21.97 7.70
C LYS A 161 20.80 -21.93 8.65
N ASN A 162 20.58 -22.33 9.89
CA ASN A 162 21.64 -22.46 10.89
C ASN A 162 21.13 -23.34 12.03
N THR A 169 12.94 -7.33 10.19
CA THR A 169 12.24 -8.29 9.33
C THR A 169 11.29 -7.57 8.38
N ARG A 170 11.32 -6.24 8.40
CA ARG A 170 10.45 -5.41 7.60
C ARG A 170 11.21 -4.79 6.43
N GLY A 171 10.51 -4.61 5.30
CA GLY A 171 11.11 -4.08 4.10
C GLY A 171 10.85 -2.59 3.91
N PHE A 172 11.56 -2.00 2.92
CA PHE A 172 11.55 -0.61 2.52
C PHE A 172 10.68 -0.40 1.29
N PRO A 173 10.14 0.80 1.11
CA PRO A 173 9.36 1.09 -0.11
C PRO A 173 10.27 1.19 -1.33
N SER A 174 9.64 1.15 -2.50
CA SER A 174 10.34 1.11 -3.78
C SER A 174 10.46 2.51 -4.38
N VAL A 175 11.43 2.67 -5.28
CA VAL A 175 11.68 3.93 -5.96
C VAL A 175 11.77 3.68 -7.45
N LEU A 176 11.48 4.72 -8.23
CA LEU A 176 11.46 4.65 -9.69
C LEU A 176 12.78 5.16 -10.23
N ARG A 177 13.46 4.35 -11.04
CA ARG A 177 14.75 4.71 -11.60
C ARG A 177 14.81 4.25 -13.05
N GLY A 178 14.88 5.20 -13.98
CA GLY A 178 15.02 4.87 -15.38
C GLY A 178 13.86 4.11 -15.98
N GLY A 179 12.67 4.22 -15.40
CA GLY A 179 11.49 3.54 -15.92
C GLY A 179 11.10 2.29 -15.18
N LYS A 180 11.97 1.77 -14.31
CA LYS A 180 11.69 0.57 -13.52
C LYS A 180 11.83 0.91 -12.04
N TYR A 181 11.32 0.02 -11.20
CA TYR A 181 11.33 0.22 -9.76
C TYR A 181 12.46 -0.57 -9.11
N ALA A 182 12.78 -0.19 -7.88
CA ALA A 182 13.85 -0.83 -7.12
C ALA A 182 13.55 -0.71 -5.63
N ALA A 183 13.76 -1.81 -4.91
CA ALA A 183 13.52 -1.85 -3.48
C ALA A 183 14.67 -2.59 -2.80
N THR A 184 14.74 -2.44 -1.47
CA THR A 184 15.77 -3.07 -0.65
C THR A 184 15.16 -3.46 0.68
N SER A 185 15.98 -4.04 1.56
CA SER A 185 15.61 -4.35 2.93
C SER A 185 16.87 -4.73 3.70
N GLN A 186 16.67 -5.14 4.95
CA GLN A 186 17.74 -5.50 5.87
C GLN A 186 17.12 -6.18 7.07
N VAL A 187 17.95 -6.88 7.84
CA VAL A 187 17.50 -7.62 9.01
C VAL A 187 18.32 -7.14 10.22
N LEU A 188 17.90 -7.59 11.41
CA LEU A 188 18.50 -7.13 12.65
C LEU A 188 19.91 -7.69 12.80
N LEU A 189 20.54 -7.35 13.93
CA LEU A 189 21.89 -7.77 14.27
C LEU A 189 22.91 -7.35 13.21
N VAL A 203 20.32 -15.98 3.61
CA VAL A 203 19.76 -16.12 2.28
C VAL A 203 18.52 -15.24 2.12
N CYS A 204 18.44 -14.51 1.02
CA CYS A 204 17.33 -13.64 0.68
C CYS A 204 16.46 -14.31 -0.37
N LYS A 205 15.15 -14.18 -0.23
CA LYS A 205 14.21 -14.71 -1.21
C LYS A 205 13.04 -13.77 -1.35
N VAL A 206 12.75 -13.38 -2.59
CA VAL A 206 11.65 -12.46 -2.89
C VAL A 206 10.63 -13.18 -3.77
N GLN A 207 9.40 -12.69 -3.74
CA GLN A 207 8.31 -13.24 -4.54
C GLN A 207 7.78 -12.17 -5.47
N HIS A 208 7.65 -12.52 -6.76
CA HIS A 208 7.19 -11.61 -7.79
C HIS A 208 6.55 -12.45 -8.88
N PRO A 209 5.47 -11.98 -9.50
CA PRO A 209 4.79 -12.81 -10.51
C PRO A 209 5.65 -13.15 -11.71
N ASN A 210 6.52 -12.24 -12.14
CA ASN A 210 7.40 -12.54 -13.26
C ASN A 210 8.42 -13.61 -12.89
N GLY A 211 8.99 -13.52 -11.69
CA GLY A 211 9.95 -14.51 -11.25
C GLY A 211 10.29 -14.42 -9.77
N ASN A 212 10.41 -15.57 -9.12
CA ASN A 212 10.81 -15.63 -7.72
C ASN A 212 12.32 -15.77 -7.65
N LYS A 213 12.97 -14.84 -6.95
CA LYS A 213 14.42 -14.77 -6.91
C LYS A 213 14.95 -15.18 -5.53
N GLU A 214 16.24 -15.51 -5.49
CA GLU A 214 16.90 -15.82 -4.23
C GLU A 214 18.35 -15.39 -4.30
N LYS A 215 18.91 -15.05 -3.14
CA LYS A 215 20.30 -14.62 -3.04
C LYS A 215 20.75 -14.78 -1.59
N ASN A 216 21.98 -15.26 -1.41
CA ASN A 216 22.57 -15.41 -0.09
C ASN A 216 23.59 -14.30 0.16
N VAL A 217 23.80 -14.00 1.44
CA VAL A 217 24.73 -12.94 1.84
C VAL A 217 25.65 -13.47 2.93
N PRO A 218 26.92 -13.04 2.98
CA PRO A 218 27.85 -13.44 4.03
C PRO A 218 27.66 -12.65 5.32
N TYR B 2 -25.63 10.11 -5.44
CA TYR B 2 -25.62 10.48 -4.03
C TYR B 2 -24.21 10.93 -3.61
N VAL B 3 -24.14 12.03 -2.87
CA VAL B 3 -22.88 12.70 -2.56
C VAL B 3 -22.57 12.50 -1.09
N LEU B 4 -21.37 11.97 -0.82
CA LEU B 4 -20.83 11.91 0.53
C LEU B 4 -19.68 12.90 0.64
N THR B 5 -19.70 13.72 1.69
CA THR B 5 -18.66 14.70 1.95
C THR B 5 -17.92 14.31 3.22
N GLN B 6 -16.60 14.21 3.11
CA GLN B 6 -15.74 14.03 4.27
C GLN B 6 -14.67 15.12 4.28
N PRO B 7 -14.30 15.62 5.44
CA PRO B 7 -13.14 16.50 5.53
C PRO B 7 -11.88 15.77 5.09
N PRO B 8 -11.07 16.39 4.24
CA PRO B 8 -9.89 15.67 3.71
C PRO B 8 -8.89 15.28 4.80
N SER B 9 -8.61 16.19 5.73
CA SER B 9 -7.64 15.96 6.78
C SER B 9 -8.23 16.34 8.13
N VAL B 10 -7.96 15.49 9.13
CA VAL B 10 -8.32 15.77 10.51
C VAL B 10 -7.18 15.30 11.39
N SER B 11 -6.69 16.18 12.26
CA SER B 11 -5.58 15.87 13.15
C SER B 11 -5.94 16.28 14.56
N VAL B 12 -5.55 15.44 15.53
CA VAL B 12 -5.82 15.68 16.94
C VAL B 12 -4.54 15.46 17.72
N ALA B 13 -4.61 15.74 19.00
CA ALA B 13 -3.55 15.45 19.94
C ALA B 13 -3.79 14.10 20.59
N PRO B 14 -2.73 13.39 20.98
CA PRO B 14 -2.91 12.08 21.61
C PRO B 14 -3.75 12.18 22.87
N GLY B 15 -4.65 11.21 23.03
CA GLY B 15 -5.60 11.21 24.13
C GLY B 15 -6.86 12.00 23.85
N LYS B 16 -6.77 13.04 23.02
CA LYS B 16 -7.96 13.80 22.65
C LYS B 16 -8.83 12.97 21.71
N THR B 17 -10.07 13.44 21.54
CA THR B 17 -11.04 12.72 20.72
C THR B 17 -11.00 13.23 19.28
N ALA B 18 -11.12 12.29 18.34
CA ALA B 18 -11.28 12.60 16.93
C ALA B 18 -12.69 12.26 16.49
N ARG B 19 -13.30 13.16 15.73
CA ARG B 19 -14.66 12.96 15.21
C ARG B 19 -14.63 13.16 13.71
N ILE B 20 -14.81 12.07 12.97
CA ILE B 20 -14.77 12.07 11.52
C ILE B 20 -16.19 12.19 10.99
N SER B 21 -16.51 13.34 10.40
CA SER B 21 -17.84 13.59 9.86
C SER B 21 -17.96 13.07 8.44
N CYS B 22 -19.17 12.67 8.08
CA CYS B 22 -19.47 12.17 6.74
C CYS B 22 -20.92 12.51 6.47
N GLY B 23 -21.17 13.42 5.54
CA GLY B 23 -22.51 13.92 5.34
C GLY B 23 -23.21 13.40 4.11
N GLY B 24 -24.54 13.56 4.08
CA GLY B 24 -25.33 13.19 2.94
C GLY B 24 -26.78 13.56 3.15
N ASN B 25 -27.49 13.91 2.07
CA ASN B 25 -28.91 14.24 2.16
C ASN B 25 -29.67 13.14 2.88
N ASN B 26 -30.07 13.41 4.12
CA ASN B 26 -30.81 12.46 4.94
C ASN B 26 -30.04 11.14 5.04
N ILE B 27 -28.74 11.23 5.32
CA ILE B 27 -27.93 10.04 5.43
C ILE B 27 -28.35 9.18 6.62
N GLY B 28 -29.03 9.78 7.60
CA GLY B 28 -29.49 9.02 8.74
C GLY B 28 -30.50 7.94 8.38
N SER B 29 -31.27 8.16 7.31
CA SER B 29 -32.23 7.15 6.87
C SER B 29 -31.57 6.01 6.11
N LYS B 30 -30.25 6.01 5.99
CA LYS B 30 -29.50 4.93 5.38
C LYS B 30 -28.60 4.28 6.42
N SER B 31 -27.95 3.19 6.02
CA SER B 31 -26.97 2.51 6.86
C SER B 31 -25.58 2.93 6.43
N VAL B 32 -24.75 3.33 7.40
CA VAL B 32 -23.40 3.77 7.13
C VAL B 32 -22.41 2.79 7.77
N HIS B 33 -21.33 2.51 7.06
CA HIS B 33 -20.22 1.75 7.59
C HIS B 33 -19.01 2.67 7.71
N TRP B 34 -17.99 2.18 8.41
CA TRP B 34 -16.77 2.94 8.63
C TRP B 34 -15.57 2.03 8.52
N TYR B 35 -14.75 2.25 7.49
CA TYR B 35 -13.55 1.46 7.27
C TYR B 35 -12.32 2.28 7.67
N GLN B 36 -11.41 1.63 8.37
CA GLN B 36 -10.12 2.21 8.72
C GLN B 36 -9.03 1.50 7.93
N GLN B 37 -8.24 2.26 7.19
CA GLN B 37 -7.17 1.70 6.37
C GLN B 37 -5.86 2.36 6.78
N LYS B 38 -5.00 1.60 7.43
CA LYS B 38 -3.65 2.07 7.68
C LYS B 38 -2.82 1.94 6.41
N PRO B 39 -1.83 2.81 6.21
CA PRO B 39 -1.06 2.78 4.96
C PRO B 39 -0.35 1.45 4.77
N GLY B 40 -0.57 0.83 3.62
CA GLY B 40 0.00 -0.45 3.28
C GLY B 40 -0.90 -1.64 3.55
N GLN B 41 -1.79 -1.52 4.53
CA GLN B 41 -2.68 -2.63 4.86
C GLN B 41 -3.97 -2.53 4.04
N ALA B 42 -4.81 -3.56 4.17
CA ALA B 42 -6.12 -3.56 3.54
C ALA B 42 -7.12 -2.84 4.44
N PRO B 43 -8.20 -2.34 3.87
CA PRO B 43 -9.22 -1.65 4.68
C PRO B 43 -9.81 -2.58 5.72
N VAL B 44 -10.03 -2.04 6.92
CA VAL B 44 -10.57 -2.78 8.06
C VAL B 44 -11.89 -2.16 8.46
N LEU B 45 -12.92 -2.99 8.60
CA LEU B 45 -14.21 -2.52 9.10
C LEU B 45 -14.09 -2.28 10.60
N VAL B 46 -14.40 -1.06 11.03
CA VAL B 46 -14.40 -0.73 12.45
C VAL B 46 -15.76 -0.30 12.98
N ILE B 47 -16.67 0.15 12.11
CA ILE B 47 -18.04 0.46 12.48
C ILE B 47 -18.93 0.07 11.32
N TYR B 48 -19.92 -0.80 11.57
CA TYR B 48 -20.89 -1.16 10.55
C TYR B 48 -22.30 -0.98 11.09
N TYR B 49 -23.23 -0.65 10.20
CA TYR B 49 -24.62 -0.35 10.55
C TYR B 49 -24.69 0.70 11.65
N ASP B 50 -24.12 1.87 11.33
CA ASP B 50 -24.28 3.10 12.09
C ASP B 50 -23.56 3.09 13.43
N THR B 51 -24.02 2.24 14.34
CA THR B 51 -23.53 2.26 15.72
C THR B 51 -22.78 1.00 16.15
N ASP B 52 -23.08 -0.15 15.56
CA ASP B 52 -22.43 -1.38 15.98
C ASP B 52 -20.95 -1.37 15.62
N ARG B 53 -20.14 -2.01 16.46
CA ARG B 53 -18.74 -2.22 16.18
C ARG B 53 -18.43 -3.71 16.18
N PRO B 54 -17.53 -4.17 15.30
CA PRO B 54 -17.30 -5.61 15.18
C PRO B 54 -16.56 -6.21 16.35
N SER B 55 -16.09 -7.45 16.17
CA SER B 55 -15.25 -8.11 17.16
C SER B 55 -13.82 -7.59 17.07
N GLY B 56 -13.16 -7.50 18.22
CA GLY B 56 -11.80 -7.03 18.25
C GLY B 56 -11.61 -5.55 17.99
N ILE B 57 -12.69 -4.79 17.86
CA ILE B 57 -12.60 -3.34 17.72
C ILE B 57 -12.72 -2.72 19.11
N PRO B 58 -11.78 -1.86 19.51
CA PRO B 58 -11.84 -1.28 20.86
C PRO B 58 -13.09 -0.44 21.03
N GLU B 59 -13.59 -0.41 22.27
CA GLU B 59 -14.87 0.24 22.55
C GLU B 59 -14.83 1.75 22.30
N ARG B 60 -13.63 2.34 22.22
CA ARG B 60 -13.54 3.78 22.02
C ARG B 60 -13.94 4.20 20.62
N PHE B 61 -13.94 3.28 19.65
CA PHE B 61 -14.48 3.54 18.32
C PHE B 61 -16.00 3.48 18.41
N SER B 62 -16.65 4.63 18.25
CA SER B 62 -18.10 4.70 18.31
C SER B 62 -18.63 5.42 17.08
N GLY B 63 -19.86 5.10 16.71
CA GLY B 63 -20.47 5.66 15.53
C GLY B 63 -21.88 6.16 15.79
N SER B 64 -22.29 7.13 14.98
CA SER B 64 -23.61 7.73 15.08
C SER B 64 -24.05 8.17 13.70
N ASN B 65 -25.34 8.04 13.42
CA ASN B 65 -25.89 8.45 12.13
C ASN B 65 -27.29 9.02 12.35
N SER B 66 -27.48 10.27 11.97
CA SER B 66 -28.77 10.94 12.15
C SER B 66 -28.80 12.19 11.28
N GLY B 67 -29.99 12.51 10.78
CA GLY B 67 -30.13 13.70 9.96
C GLY B 67 -29.30 13.60 8.70
N ASN B 68 -28.38 14.56 8.52
CA ASN B 68 -27.58 14.64 7.30
C ASN B 68 -26.10 14.44 7.56
N THR B 69 -25.73 13.74 8.63
CA THR B 69 -24.31 13.52 8.92
C THR B 69 -24.16 12.30 9.80
N ALA B 70 -23.35 11.34 9.35
CA ALA B 70 -22.89 10.23 10.16
C ALA B 70 -21.47 10.51 10.63
N THR B 71 -21.16 10.10 11.86
CA THR B 71 -19.91 10.50 12.49
C THR B 71 -19.24 9.33 13.18
N LEU B 72 -17.92 9.23 13.02
CA LEU B 72 -17.10 8.19 13.65
C LEU B 72 -16.22 8.87 14.69
N THR B 73 -16.54 8.65 15.96
CA THR B 73 -15.89 9.32 17.08
C THR B 73 -14.86 8.37 17.70
N ILE B 74 -13.58 8.70 17.53
CA ILE B 74 -12.50 7.95 18.16
C ILE B 74 -12.15 8.64 19.47
N SER B 75 -12.50 8.03 20.58
CA SER B 75 -12.15 8.54 21.90
C SER B 75 -10.76 8.06 22.29
N ARG B 76 -10.04 8.90 23.03
CA ARG B 76 -8.70 8.59 23.54
C ARG B 76 -7.80 8.11 22.40
N VAL B 77 -7.56 9.03 21.45
CA VAL B 77 -6.90 8.66 20.21
C VAL B 77 -5.44 8.29 20.47
N GLU B 78 -5.03 7.16 19.92
CA GLU B 78 -3.66 6.66 20.01
C GLU B 78 -2.97 6.84 18.66
N ALA B 79 -1.63 6.80 18.69
CA ALA B 79 -0.88 6.86 17.45
C ALA B 79 -1.17 5.67 16.55
N GLY B 80 -1.54 4.53 17.14
CA GLY B 80 -1.96 3.39 16.36
C GLY B 80 -3.23 3.62 15.57
N ASP B 81 -3.96 4.70 15.83
CA ASP B 81 -5.19 5.02 15.12
C ASP B 81 -4.97 5.90 13.91
N GLU B 82 -3.76 6.45 13.74
CA GLU B 82 -3.45 7.32 12.62
C GLU B 82 -3.59 6.52 11.32
N ALA B 83 -4.60 6.83 10.54
CA ALA B 83 -4.96 6.05 9.37
C ALA B 83 -5.98 6.83 8.54
N GLY B 84 -6.33 6.27 7.39
CA GLY B 84 -7.38 6.83 6.56
C GLY B 84 -8.70 6.17 6.88
N TYR B 85 -9.74 6.98 7.06
CA TYR B 85 -11.05 6.49 7.44
C TYR B 85 -12.06 6.84 6.34
N TYR B 86 -12.86 5.84 5.96
CA TYR B 86 -13.81 5.97 4.87
C TYR B 86 -15.18 5.54 5.33
N CYS B 87 -16.17 6.42 5.16
CA CYS B 87 -17.56 6.06 5.39
C CYS B 87 -18.13 5.46 4.11
N GLN B 88 -18.94 4.41 4.27
CA GLN B 88 -19.58 3.74 3.16
C GLN B 88 -21.08 3.63 3.43
N VAL B 89 -21.88 4.08 2.48
CA VAL B 89 -23.33 3.99 2.60
C VAL B 89 -23.81 2.78 1.83
N TRP B 90 -24.78 2.07 2.41
CA TRP B 90 -25.38 0.89 1.79
C TRP B 90 -26.84 1.20 1.55
N ASP B 91 -27.26 1.09 0.29
CA ASP B 91 -28.66 1.34 -0.08
C ASP B 91 -28.99 0.42 -1.24
N SER B 92 -29.83 -0.56 -0.99
CA SER B 92 -30.25 -1.52 -2.02
C SER B 92 -31.31 -0.98 -2.96
N SER B 93 -31.30 0.32 -3.24
CA SER B 93 -32.29 0.96 -4.10
C SER B 93 -31.70 1.86 -5.16
N SER B 94 -30.50 2.40 -4.99
CA SER B 94 -29.87 3.23 -6.00
C SER B 94 -29.07 2.36 -6.97
N ASP B 95 -28.88 2.88 -8.18
CA ASP B 95 -28.04 2.16 -9.14
C ASP B 95 -26.56 2.15 -8.76
N HIS B 96 -26.20 2.84 -7.67
CA HIS B 96 -24.88 2.76 -7.07
C HIS B 96 -25.09 2.22 -5.66
N PRO B 97 -25.17 0.89 -5.49
CA PRO B 97 -25.50 0.31 -4.18
C PRO B 97 -24.57 0.81 -3.09
N TRP B 98 -23.29 0.53 -3.24
CA TRP B 98 -22.27 1.05 -2.34
C TRP B 98 -21.78 2.39 -2.84
N VAL B 99 -21.57 3.32 -1.91
CA VAL B 99 -21.02 4.64 -2.23
C VAL B 99 -20.07 5.01 -1.10
N PHE B 100 -18.79 5.11 -1.41
CA PHE B 100 -17.79 5.49 -0.42
C PHE B 100 -17.63 7.00 -0.37
N GLY B 101 -16.92 7.48 0.65
CA GLY B 101 -16.57 8.88 0.77
C GLY B 101 -15.17 9.15 0.27
N GLY B 102 -14.86 10.44 0.14
CA GLY B 102 -13.51 10.83 -0.19
C GLY B 102 -12.47 10.40 0.82
N GLY B 103 -12.90 10.14 2.05
CA GLY B 103 -12.01 9.65 3.08
C GLY B 103 -11.39 10.78 3.88
N THR B 104 -10.91 10.42 5.07
CA THR B 104 -10.22 11.34 5.97
C THR B 104 -8.99 10.66 6.50
N LYS B 105 -7.83 11.27 6.30
CA LYS B 105 -6.58 10.76 6.85
C LYS B 105 -6.40 11.40 8.23
N LEU B 106 -6.51 10.58 9.27
CA LEU B 106 -6.36 11.04 10.65
C LEU B 106 -4.89 11.01 11.02
N THR B 107 -4.34 12.16 11.35
CA THR B 107 -2.95 12.29 11.76
C THR B 107 -2.88 12.58 13.25
N VAL B 108 -2.07 11.81 13.97
CA VAL B 108 -1.89 12.00 15.40
C VAL B 108 -0.66 12.88 15.58
N LEU B 109 -0.88 14.15 15.89
CA LEU B 109 0.20 15.07 16.18
C LEU B 109 0.92 14.67 17.46
N ARG B 110 1.98 15.39 17.80
CA ARG B 110 2.61 15.29 19.12
C ARG B 110 3.18 13.90 19.39
N GLN B 111 3.59 13.20 18.34
CA GLN B 111 4.21 11.92 18.59
C GLN B 111 5.66 12.09 19.00
N PRO B 112 6.19 11.20 19.83
CA PRO B 112 7.59 11.31 20.23
C PRO B 112 8.53 11.12 19.04
N LYS B 113 9.54 11.99 18.97
CA LYS B 113 10.50 11.91 17.88
C LYS B 113 11.43 10.70 18.07
N ALA B 114 11.98 10.24 16.95
CA ALA B 114 12.90 9.11 16.95
C ALA B 114 14.05 9.42 16.00
N ALA B 115 15.27 9.20 16.48
CA ALA B 115 16.44 9.46 15.66
C ALA B 115 16.50 8.45 14.50
N PRO B 116 16.88 8.89 13.31
CA PRO B 116 16.92 7.96 12.17
C PRO B 116 18.04 6.93 12.32
N SER B 117 17.77 5.72 11.87
CA SER B 117 18.75 4.63 11.85
C SER B 117 19.21 4.45 10.42
N VAL B 118 20.44 4.90 10.14
CA VAL B 118 20.96 4.93 8.78
C VAL B 118 21.90 3.75 8.57
N THR B 119 21.84 3.16 7.37
CA THR B 119 22.67 2.04 7.00
C THR B 119 23.10 2.25 5.55
N LEU B 120 24.36 2.58 5.34
CA LEU B 120 24.90 2.80 4.01
C LEU B 120 25.43 1.49 3.44
N PHE B 121 25.12 1.23 2.16
CA PHE B 121 25.51 0.00 1.52
C PHE B 121 26.28 0.29 0.23
N PRO B 122 27.39 -0.39 -0.01
CA PRO B 122 28.14 -0.19 -1.25
C PRO B 122 27.58 -1.08 -2.37
N PRO B 123 28.01 -0.86 -3.61
CA PRO B 123 27.59 -1.77 -4.69
C PRO B 123 28.11 -3.18 -4.45
N SER B 124 27.40 -4.15 -5.02
CA SER B 124 27.75 -5.56 -4.84
C SER B 124 28.88 -5.96 -5.77
N SER B 125 29.66 -6.95 -5.33
CA SER B 125 30.68 -7.51 -6.20
C SER B 125 30.06 -8.19 -7.42
N GLU B 126 28.82 -8.67 -7.29
CA GLU B 126 28.07 -9.16 -8.43
C GLU B 126 27.45 -8.05 -9.25
N GLU B 127 27.40 -6.82 -8.71
CA GLU B 127 26.86 -5.68 -9.44
C GLU B 127 27.91 -4.98 -10.28
N LEU B 128 29.14 -4.85 -9.78
CA LEU B 128 30.20 -4.24 -10.56
C LEU B 128 30.53 -5.07 -11.79
N GLN B 129 30.33 -6.39 -11.73
CA GLN B 129 30.54 -7.23 -12.90
C GLN B 129 29.45 -7.03 -13.94
N ALA B 130 28.32 -6.44 -13.56
CA ALA B 130 27.25 -6.11 -14.50
C ALA B 130 27.34 -4.67 -14.99
N ASN B 131 28.49 -4.02 -14.80
CA ASN B 131 28.75 -2.64 -15.20
C ASN B 131 27.85 -1.64 -14.47
N LYS B 132 27.23 -2.05 -13.37
CA LYS B 132 26.39 -1.18 -12.57
C LYS B 132 27.11 -0.78 -11.28
N ALA B 133 26.55 0.22 -10.62
CA ALA B 133 27.09 0.69 -9.34
C ALA B 133 25.99 1.50 -8.66
N THR B 134 25.37 0.92 -7.62
CA THR B 134 24.24 1.55 -6.94
C THR B 134 24.52 1.61 -5.45
N LEU B 135 24.65 2.83 -4.92
CA LEU B 135 24.72 3.02 -3.49
C LEU B 135 23.32 3.03 -2.89
N VAL B 136 23.17 2.43 -1.72
CA VAL B 136 21.88 2.29 -1.06
C VAL B 136 21.99 2.87 0.35
N CYS B 137 21.15 3.86 0.66
CA CYS B 137 21.14 4.52 1.97
C CYS B 137 19.77 4.29 2.60
N LEU B 138 19.74 3.47 3.65
CA LEU B 138 18.49 3.02 4.27
C LEU B 138 18.27 3.74 5.59
N ILE B 139 17.10 4.32 5.75
CA ILE B 139 16.73 5.08 6.95
C ILE B 139 15.50 4.43 7.56
N SER B 140 15.59 4.10 8.86
CA SER B 140 14.52 3.39 9.55
C SER B 140 14.24 4.04 10.90
N ASP B 141 12.98 3.90 11.34
CA ASP B 141 12.55 4.28 12.69
C ASP B 141 12.86 5.75 12.99
N PHE B 142 12.32 6.63 12.15
CA PHE B 142 12.45 8.06 12.36
C PHE B 142 11.08 8.72 12.30
N TYR B 143 10.89 9.71 13.18
CA TYR B 143 9.68 10.52 13.21
C TYR B 143 10.10 11.94 13.54
N PRO B 144 9.54 12.94 12.84
CA PRO B 144 8.57 12.81 11.74
C PRO B 144 9.18 12.26 10.46
N GLY B 145 8.34 11.97 9.48
CA GLY B 145 8.82 11.44 8.21
C GLY B 145 9.14 12.53 7.21
N ALA B 146 10.24 13.27 7.45
CA ALA B 146 10.63 14.36 6.57
C ALA B 146 12.15 14.51 6.67
N VAL B 147 12.86 13.62 5.98
CA VAL B 147 14.31 13.62 5.97
C VAL B 147 14.80 14.14 4.61
N THR B 148 16.02 14.66 4.62
CA THR B 148 16.67 15.16 3.39
C THR B 148 18.04 14.50 3.31
N VAL B 149 18.21 13.63 2.31
CA VAL B 149 19.46 12.89 2.13
C VAL B 149 20.42 13.72 1.30
N ALA B 150 21.57 14.05 1.90
CA ALA B 150 22.63 14.76 1.21
C ALA B 150 23.70 13.76 0.81
N TRP B 151 23.77 13.45 -0.48
CA TRP B 151 24.79 12.54 -1.00
C TRP B 151 26.07 13.32 -1.28
N LYS B 152 27.17 12.88 -0.68
CA LYS B 152 28.47 13.48 -0.92
C LYS B 152 29.50 12.40 -1.17
N ALA B 153 30.41 12.68 -2.10
CA ALA B 153 31.46 11.74 -2.49
C ALA B 153 32.80 12.31 -2.01
N ASP B 154 33.39 11.65 -1.01
CA ASP B 154 34.63 12.11 -0.37
C ASP B 154 34.36 13.52 0.15
N SER B 155 35.11 14.54 -0.27
CA SER B 155 34.82 15.90 0.18
C SER B 155 33.78 16.58 -0.69
N SER B 156 33.66 16.18 -1.95
CA SER B 156 32.80 16.83 -2.92
C SER B 156 31.34 16.38 -2.76
N PRO B 157 30.39 17.26 -3.05
CA PRO B 157 28.98 16.86 -3.10
C PRO B 157 28.57 16.40 -4.49
N VAL B 158 27.52 15.58 -4.53
CA VAL B 158 27.03 14.99 -5.77
C VAL B 158 25.57 15.41 -5.96
N LYS B 159 25.14 15.40 -7.23
CA LYS B 159 23.78 15.78 -7.59
C LYS B 159 23.13 14.69 -8.44
N ALA B 160 23.85 14.20 -9.44
CA ALA B 160 23.32 13.20 -10.34
C ALA B 160 23.32 11.82 -9.69
N GLY B 161 22.38 10.98 -10.12
CA GLY B 161 22.22 9.65 -9.58
C GLY B 161 21.44 9.57 -8.28
N VAL B 162 21.19 10.70 -7.63
CA VAL B 162 20.48 10.70 -6.35
C VAL B 162 18.99 10.48 -6.62
N GLU B 163 18.43 9.45 -5.97
CA GLU B 163 17.01 9.14 -6.10
C GLU B 163 16.51 8.67 -4.74
N THR B 164 15.72 9.52 -4.08
CA THR B 164 15.24 9.26 -2.73
C THR B 164 13.74 8.96 -2.77
N THR B 165 13.31 8.01 -1.95
CA THR B 165 11.91 7.66 -1.84
C THR B 165 11.24 8.52 -0.77
N THR B 166 9.92 8.66 -0.88
CA THR B 166 9.19 9.30 0.19
C THR B 166 8.94 8.31 1.31
N PRO B 167 9.06 8.74 2.57
CA PRO B 167 8.93 7.79 3.69
C PRO B 167 7.55 7.17 3.76
N SER B 168 7.52 5.88 4.07
CA SER B 168 6.28 5.13 4.24
C SER B 168 6.18 4.67 5.69
N LYS B 169 5.02 4.88 6.30
CA LYS B 169 4.84 4.52 7.69
C LYS B 169 4.89 3.01 7.88
N GLN B 170 5.52 2.59 8.98
CA GLN B 170 5.69 1.18 9.29
C GLN B 170 4.75 0.79 10.43
N SER B 171 5.02 -0.36 11.04
CA SER B 171 4.11 -0.90 12.04
C SER B 171 4.10 -0.06 13.31
N ASN B 172 5.28 0.42 13.75
CA ASN B 172 5.40 1.23 14.95
C ASN B 172 5.08 2.70 14.70
N ASN B 173 4.30 3.00 13.66
CA ASN B 173 3.89 4.35 13.30
C ASN B 173 5.08 5.24 12.94
N LYS B 174 6.28 4.68 12.90
CA LYS B 174 7.47 5.41 12.52
C LYS B 174 7.83 5.12 11.06
N TYR B 175 8.36 6.12 10.39
CA TYR B 175 8.53 6.08 8.94
C TYR B 175 9.89 5.49 8.56
N ALA B 176 9.97 5.01 7.32
CA ALA B 176 11.20 4.48 6.75
C ALA B 176 11.30 4.92 5.30
N ALA B 177 12.53 5.22 4.87
CA ALA B 177 12.75 5.69 3.51
C ALA B 177 14.17 5.34 3.08
N SER B 178 14.34 5.14 1.78
CA SER B 178 15.63 4.80 1.20
C SER B 178 16.03 5.86 0.18
N SER B 179 17.30 5.81 -0.21
CA SER B 179 17.86 6.76 -1.18
C SER B 179 19.00 6.09 -1.92
N TYR B 180 18.85 5.97 -3.23
CA TYR B 180 19.84 5.29 -4.07
C TYR B 180 20.67 6.30 -4.84
N LEU B 181 21.97 6.03 -4.93
CA LEU B 181 22.90 6.83 -5.72
C LEU B 181 23.47 5.96 -6.82
N SER B 182 23.05 6.21 -8.05
CA SER B 182 23.53 5.49 -9.21
C SER B 182 24.81 6.14 -9.73
N LEU B 183 25.85 5.34 -9.93
CA LEU B 183 27.13 5.83 -10.41
C LEU B 183 27.70 4.82 -11.40
N THR B 184 28.92 5.07 -11.85
CA THR B 184 29.62 4.19 -12.76
C THR B 184 30.74 3.44 -12.02
N PRO B 185 31.04 2.20 -12.43
CA PRO B 185 32.15 1.48 -11.79
C PRO B 185 33.49 2.20 -11.90
N GLU B 186 33.64 3.12 -12.86
CA GLU B 186 34.88 3.88 -12.98
C GLU B 186 35.03 4.86 -11.82
N GLN B 187 33.95 5.56 -11.46
CA GLN B 187 34.01 6.52 -10.36
C GLN B 187 34.00 5.85 -9.00
N TRP B 188 33.65 4.57 -8.92
CA TRP B 188 33.63 3.88 -7.63
C TRP B 188 35.04 3.59 -7.14
N LYS B 189 35.89 3.03 -7.98
CA LYS B 189 37.27 2.73 -7.63
C LYS B 189 38.21 3.90 -7.89
N SER B 190 37.69 5.06 -8.27
CA SER B 190 38.49 6.26 -8.43
C SER B 190 38.60 7.02 -7.11
N HIS B 191 37.46 7.37 -6.52
CA HIS B 191 37.43 7.98 -5.20
C HIS B 191 37.69 6.94 -4.12
N ARG B 192 37.94 7.42 -2.90
CA ARG B 192 38.34 6.56 -1.80
C ARG B 192 37.27 6.37 -0.74
N SER B 193 36.18 7.14 -0.78
CA SER B 193 35.12 6.99 0.20
C SER B 193 33.87 7.74 -0.21
N TYR B 194 32.71 7.09 -0.09
CA TYR B 194 31.42 7.73 -0.34
C TYR B 194 30.63 7.81 0.97
N SER B 195 29.83 8.85 1.11
CA SER B 195 29.10 9.10 2.34
C SER B 195 27.67 9.51 2.05
N CYS B 196 26.77 9.10 2.94
CA CYS B 196 25.35 9.46 2.88
C CYS B 196 25.01 10.26 4.12
N GLN B 197 24.69 11.55 3.93
CA GLN B 197 24.37 12.46 5.04
C GLN B 197 22.86 12.63 5.13
N VAL B 198 22.24 11.83 5.98
CA VAL B 198 20.80 11.93 6.22
C VAL B 198 20.55 13.09 7.16
N THR B 199 20.00 14.18 6.62
CA THR B 199 19.71 15.39 7.40
C THR B 199 18.26 15.34 7.84
N HIS B 200 18.04 15.10 9.13
CA HIS B 200 16.70 14.99 9.70
C HIS B 200 16.56 15.97 10.85
N GLU B 201 15.58 16.88 10.74
CA GLU B 201 15.27 17.85 11.79
C GLU B 201 16.51 18.65 12.18
N GLY B 202 17.18 19.21 11.17
CA GLY B 202 18.37 20.00 11.40
C GLY B 202 19.49 19.24 12.08
N SER B 203 19.58 17.93 11.85
CA SER B 203 20.56 17.10 12.54
C SER B 203 20.95 15.97 11.60
N THR B 204 22.12 16.11 10.96
CA THR B 204 22.62 15.08 10.06
C THR B 204 23.02 13.84 10.86
N VAL B 205 23.48 12.82 10.15
CA VAL B 205 23.95 11.59 10.77
C VAL B 205 24.96 10.93 9.85
N GLU B 206 26.02 10.41 10.43
CA GLU B 206 27.16 9.93 9.68
C GLU B 206 26.90 8.57 9.06
N LYS B 207 27.45 8.36 7.86
CA LYS B 207 27.51 7.05 7.23
C LYS B 207 28.51 7.11 6.08
N THR B 208 29.49 6.21 6.09
CA THR B 208 30.57 6.22 5.12
C THR B 208 30.94 4.78 4.74
N VAL B 209 31.32 4.59 3.48
CA VAL B 209 31.75 3.30 2.97
C VAL B 209 33.15 3.45 2.40
N ALA B 210 33.80 2.31 2.16
CA ALA B 210 35.19 2.27 1.68
C ALA B 210 35.30 1.40 0.43
N PRO B 211 35.61 1.99 -0.73
CA PRO B 211 35.76 1.18 -1.95
C PRO B 211 36.88 0.15 -1.89
N THR B 212 37.83 0.28 -0.96
CA THR B 212 38.82 -0.76 -0.77
C THR B 212 38.15 -2.10 -0.49
N GLU B 213 37.44 -2.18 0.64
CA GLU B 213 36.65 -3.37 0.98
C GLU B 213 35.41 -2.97 1.76
#